data_1V4A
#
_entry.id   1V4A
#
_cell.length_a   116.836
_cell.length_b   116.836
_cell.length_c   67.744
_cell.angle_alpha   90.00
_cell.angle_beta   90.00
_cell.angle_gamma   120.00
#
_symmetry.space_group_name_H-M   'P 32 2 1'
#
loop_
_entity.id
_entity.type
_entity.pdbx_description
1 polymer 'Glutamate-ammonia-ligase adenylyltransferase'
2 water water
#
_entity_poly.entity_id   1
_entity_poly.type   'polypeptide(L)'
_entity_poly.pdbx_seq_one_letter_code
;(MSE)KPLSSPLQQYWQTVVERLPEPLAEESLSAQAKSVLTFSDFVQDSVIAHPEWLTELESQPPQADEWQHYAAWLQEA
LCNVSDEAGL(MSE)RELRLFRRRI(MSE)VRIAWAQTLALVTEESILQQLSYLAETLIVAARDWLYDACCREWGTPCNA
QGEAQPLLILG(MSE)GKLGGGELNFSSDIDLIFAWPEHGCTQGGRRELDNAQFFTR(MSE)GQRLIKVLDQPTQDGFVY
RVD(MSE)RLRPFGESGPLVLSFAALEDYYQEQGRDWERYA(MSE)VKARI(MSE)GDSEGVYANELRA(MSE)LRPFVF
RRYIDFSVIQSLRN(MSE)KG(MSE)IAREVRRRGLTDNIKLGAGGIREIEFIVQVFQLIRGGREPSLQSRSLLPTLSAI
AELHLLSENDAEQLRVAYLFLRRLENLLQSINDEQTQTLPSDELNRARLAWA(MSE)DFADWPQLTGALTAH(MSE)TNV
RRVFNELIGDDE
;
_entity_poly.pdbx_strand_id   A
#
# COMPACT_ATOMS: atom_id res chain seq x y z
N MSE A 1 9.77 -23.02 -8.69
CA MSE A 1 8.45 -23.67 -8.50
C MSE A 1 8.61 -25.12 -8.06
O MSE A 1 8.82 -26.01 -8.88
CB MSE A 1 7.64 -23.60 -9.79
CG MSE A 1 6.26 -24.25 -9.70
SE MSE A 1 5.12 -23.62 -10.94
CE MSE A 1 6.12 -23.74 -12.45
N LYS A 2 8.51 -25.36 -6.75
CA LYS A 2 8.54 -26.72 -6.21
C LYS A 2 7.18 -27.39 -6.40
N PRO A 3 7.07 -28.42 -7.24
CA PRO A 3 5.80 -29.15 -7.39
C PRO A 3 4.90 -29.22 -6.14
N LEU A 4 3.59 -29.20 -6.37
CA LEU A 4 2.61 -29.10 -5.29
C LEU A 4 2.75 -30.25 -4.30
N SER A 5 2.48 -29.96 -3.03
CA SER A 5 2.53 -30.97 -1.96
C SER A 5 1.23 -31.77 -1.92
N SER A 6 1.23 -32.84 -1.15
CA SER A 6 0.04 -33.70 -1.05
C SER A 6 -1.28 -32.92 -0.86
N PRO A 7 -1.35 -31.99 0.10
CA PRO A 7 -2.59 -31.24 0.35
C PRO A 7 -3.02 -30.33 -0.80
N LEU A 8 -2.04 -29.73 -1.49
CA LEU A 8 -2.29 -28.90 -2.66
C LEU A 8 -2.69 -29.71 -3.89
N GLN A 9 -2.32 -31.00 -3.92
CA GLN A 9 -2.65 -31.90 -5.03
C GLN A 9 -4.09 -32.36 -4.89
N GLN A 10 -4.49 -32.65 -3.65
CA GLN A 10 -5.85 -33.07 -3.36
C GLN A 10 -6.82 -31.92 -3.58
N TYR A 11 -6.39 -30.68 -3.31
CA TYR A 11 -7.24 -29.51 -3.52
C TYR A 11 -7.39 -29.18 -5.00
N TRP A 12 -6.29 -29.25 -5.76
CA TRP A 12 -6.33 -28.96 -7.19
C TRP A 12 -7.27 -29.93 -7.92
N GLN A 13 -7.34 -31.16 -7.41
CA GLN A 13 -8.23 -32.15 -7.99
C GLN A 13 -9.70 -31.79 -7.78
N THR A 14 -10.02 -31.10 -6.68
CA THR A 14 -11.38 -30.56 -6.47
C THR A 14 -11.68 -29.31 -7.32
N VAL A 15 -10.63 -28.62 -7.77
CA VAL A 15 -10.79 -27.40 -8.58
C VAL A 15 -11.03 -27.70 -10.06
N VAL A 16 -10.31 -28.69 -10.60
CA VAL A 16 -10.42 -29.06 -12.01
C VAL A 16 -11.83 -29.49 -12.42
N GLU A 17 -12.47 -30.32 -11.60
CA GLU A 17 -13.84 -30.79 -11.86
C GLU A 17 -14.84 -29.73 -11.38
N ARG A 18 -14.85 -28.60 -12.09
CA ARG A 18 -15.49 -27.36 -11.62
C ARG A 18 -15.05 -26.15 -12.46
N LEU A 19 -13.85 -26.21 -13.03
CA LEU A 19 -13.38 -25.12 -13.90
C LEU A 19 -14.28 -24.96 -15.13
N PRO A 20 -14.67 -23.73 -15.44
CA PRO A 20 -15.56 -23.45 -16.57
C PRO A 20 -14.82 -23.47 -17.91
N GLU A 21 -15.57 -23.61 -19.00
CA GLU A 21 -15.06 -23.33 -20.33
C GLU A 21 -14.64 -21.86 -20.35
N PRO A 22 -13.61 -21.50 -21.11
CA PRO A 22 -12.80 -22.40 -21.92
C PRO A 22 -11.61 -23.02 -21.17
N LEU A 23 -11.57 -22.87 -19.84
CA LEU A 23 -10.46 -23.36 -19.02
C LEU A 23 -10.58 -24.85 -18.69
N ALA A 24 -10.43 -25.71 -19.69
CA ALA A 24 -10.32 -27.15 -19.47
C ALA A 24 -8.87 -27.45 -19.09
N GLU A 25 -8.63 -28.64 -18.51
CA GLU A 25 -7.30 -29.01 -18.00
C GLU A 25 -6.21 -29.12 -19.08
N GLU A 26 -6.63 -29.27 -20.33
CA GLU A 26 -5.71 -29.46 -21.45
C GLU A 26 -5.24 -28.13 -22.03
N SER A 27 -6.01 -27.08 -21.80
CA SER A 27 -5.62 -25.72 -22.20
C SER A 27 -4.81 -24.97 -21.12
N LEU A 28 -4.30 -25.69 -20.12
CA LEU A 28 -3.68 -25.08 -18.95
C LEU A 28 -2.21 -25.46 -18.75
N SER A 29 -1.34 -24.45 -18.80
CA SER A 29 0.08 -24.62 -18.48
C SER A 29 0.27 -25.03 -17.01
N ALA A 30 1.45 -25.52 -16.68
CA ALA A 30 1.77 -26.00 -15.32
C ALA A 30 1.75 -24.88 -14.26
N GLN A 31 2.01 -23.66 -14.69
CA GLN A 31 2.01 -22.51 -13.80
C GLN A 31 0.58 -22.06 -13.54
N ALA A 32 -0.21 -21.96 -14.60
CA ALA A 32 -1.63 -21.63 -14.45
C ALA A 32 -2.31 -22.48 -13.41
N LYS A 33 -1.96 -23.76 -13.35
CA LYS A 33 -2.54 -24.69 -12.37
C LYS A 33 -2.07 -24.41 -10.94
N SER A 34 -0.81 -24.06 -10.78
CA SER A 34 -0.27 -23.77 -9.44
C SER A 34 -0.83 -22.46 -8.87
N VAL A 35 -1.00 -21.46 -9.73
CA VAL A 35 -1.57 -20.17 -9.35
C VAL A 35 -3.04 -20.30 -8.97
N LEU A 36 -3.79 -21.11 -9.73
CA LEU A 36 -5.19 -21.34 -9.45
C LEU A 36 -5.34 -22.13 -8.16
N THR A 37 -4.37 -23.02 -7.91
CA THR A 37 -4.35 -23.82 -6.70
C THR A 37 -4.05 -22.95 -5.49
N PHE A 38 -3.19 -21.95 -5.67
CA PHE A 38 -2.77 -21.10 -4.56
C PHE A 38 -3.80 -20.05 -4.15
N SER A 39 -4.49 -19.46 -5.14
CA SER A 39 -5.28 -18.25 -4.93
C SER A 39 -6.74 -18.41 -5.39
N ASP A 40 -7.67 -18.39 -4.43
CA ASP A 40 -9.10 -18.34 -4.72
C ASP A 40 -9.48 -17.03 -5.41
N PHE A 41 -8.72 -15.97 -5.12
CA PHE A 41 -8.95 -14.68 -5.75
C PHE A 41 -8.69 -14.75 -7.24
N VAL A 42 -7.62 -15.43 -7.65
CA VAL A 42 -7.29 -15.55 -9.06
C VAL A 42 -8.30 -16.48 -9.73
N GLN A 43 -8.63 -17.59 -9.08
CA GLN A 43 -9.68 -18.50 -9.56
C GLN A 43 -10.95 -17.75 -9.94
N ASP A 44 -11.48 -16.99 -8.99
CA ASP A 44 -12.76 -16.30 -9.15
C ASP A 44 -12.69 -15.26 -10.25
N SER A 45 -11.55 -14.57 -10.34
CA SER A 45 -11.36 -13.51 -11.32
C SER A 45 -11.30 -14.07 -12.75
N VAL A 46 -10.69 -15.24 -12.90
CA VAL A 46 -10.47 -15.81 -14.21
C VAL A 46 -11.68 -16.63 -14.70
N ILE A 47 -12.56 -17.00 -13.77
CA ILE A 47 -13.80 -17.69 -14.11
C ILE A 47 -14.66 -16.72 -14.91
N ALA A 48 -14.72 -15.46 -14.45
CA ALA A 48 -15.52 -14.41 -15.09
C ALA A 48 -14.83 -13.79 -16.30
N HIS A 49 -13.50 -13.87 -16.34
CA HIS A 49 -12.71 -13.23 -17.40
C HIS A 49 -11.60 -14.18 -17.81
N PRO A 50 -11.96 -15.25 -18.53
CA PRO A 50 -11.01 -16.31 -18.89
C PRO A 50 -9.86 -15.82 -19.73
N GLU A 51 -10.10 -14.78 -20.53
CA GLU A 51 -9.05 -14.15 -21.33
C GLU A 51 -7.82 -13.87 -20.49
N TRP A 52 -8.04 -13.29 -19.31
CA TRP A 52 -6.95 -12.89 -18.41
C TRP A 52 -5.87 -13.97 -18.22
N LEU A 53 -6.27 -15.22 -17.93
CA LEU A 53 -5.28 -16.29 -17.76
C LEU A 53 -4.65 -16.72 -19.09
N THR A 54 -5.42 -16.61 -20.17
CA THR A 54 -4.92 -16.88 -21.52
C THR A 54 -3.91 -15.81 -21.96
N GLU A 55 -4.13 -14.57 -21.54
CA GLU A 55 -3.29 -13.44 -21.94
C GLU A 55 -2.04 -13.35 -21.04
N LEU A 56 -2.00 -14.14 -19.97
CA LEU A 56 -0.85 -14.21 -19.08
C LEU A 56 0.21 -15.20 -19.59
N GLU A 57 -0.12 -15.96 -20.63
CA GLU A 57 0.87 -16.81 -21.30
C GLU A 57 1.38 -16.18 -22.60
N SER A 58 0.47 -15.55 -23.34
CA SER A 58 0.81 -14.83 -24.57
C SER A 58 1.66 -13.58 -24.30
N GLN A 59 1.65 -13.11 -23.05
CA GLN A 59 2.54 -12.06 -22.61
C GLN A 59 2.59 -12.09 -21.08
N PRO A 60 3.58 -12.81 -20.51
CA PRO A 60 3.81 -12.79 -19.05
C PRO A 60 4.16 -11.41 -18.52
N PRO A 61 3.82 -11.13 -17.26
CA PRO A 61 4.05 -9.81 -16.67
C PRO A 61 5.52 -9.55 -16.32
N GLN A 62 6.02 -8.37 -16.70
CA GLN A 62 7.37 -7.95 -16.38
C GLN A 62 7.39 -7.01 -15.18
N ALA A 63 8.55 -6.86 -14.55
CA ALA A 63 8.70 -6.03 -13.35
C ALA A 63 8.30 -4.59 -13.62
N ASP A 64 8.71 -4.07 -14.77
CA ASP A 64 8.48 -2.67 -15.14
C ASP A 64 7.12 -2.40 -15.79
N GLU A 65 6.22 -3.39 -15.79
CA GLU A 65 4.89 -3.24 -16.38
C GLU A 65 4.11 -2.04 -15.85
N TRP A 66 4.36 -1.64 -14.60
CA TRP A 66 3.69 -0.50 -13.99
C TRP A 66 3.87 0.81 -14.76
N GLN A 67 4.91 0.87 -15.59
CA GLN A 67 5.15 2.01 -16.46
C GLN A 67 4.10 2.19 -17.57
N HIS A 68 3.29 1.15 -17.82
CA HIS A 68 2.20 1.18 -18.79
C HIS A 68 0.80 1.33 -18.18
N TYR A 69 0.68 1.24 -16.85
CA TYR A 69 -0.63 1.27 -16.19
C TYR A 69 -1.49 2.46 -16.59
N ALA A 70 -0.92 3.67 -16.49
CA ALA A 70 -1.67 4.90 -16.72
C ALA A 70 -2.19 5.01 -18.15
N ALA A 71 -1.40 4.58 -19.12
CA ALA A 71 -1.82 4.62 -20.53
C ALA A 71 -2.87 3.54 -20.82
N TRP A 72 -2.71 2.36 -20.22
CA TRP A 72 -3.68 1.26 -20.37
C TRP A 72 -5.04 1.69 -19.84
N LEU A 73 -5.03 2.43 -18.74
CA LEU A 73 -6.27 2.87 -18.09
C LEU A 73 -6.92 3.98 -18.90
N GLN A 74 -6.14 4.96 -19.36
CA GLN A 74 -6.66 6.07 -20.17
C GLN A 74 -7.28 5.60 -21.50
N GLU A 75 -6.78 4.47 -22.01
CA GLU A 75 -7.30 3.89 -23.25
C GLU A 75 -8.65 3.23 -23.00
N ALA A 76 -8.76 2.54 -21.86
CA ALA A 76 -10.01 1.92 -21.44
C ALA A 76 -11.06 2.96 -21.03
N LEU A 77 -10.63 4.15 -20.59
CA LEU A 77 -11.53 5.23 -20.20
C LEU A 77 -11.87 6.16 -21.37
N CYS A 78 -11.35 5.86 -22.56
CA CYS A 78 -11.63 6.64 -23.76
C CYS A 78 -13.10 6.65 -24.13
N ASN A 79 -13.74 5.49 -24.10
CA ASN A 79 -15.16 5.36 -24.42
C ASN A 79 -16.04 5.35 -23.17
N VAL A 80 -15.74 6.23 -22.22
CA VAL A 80 -16.50 6.35 -20.97
C VAL A 80 -17.14 7.73 -20.92
N SER A 81 -18.47 7.76 -20.73
CA SER A 81 -19.26 8.98 -20.83
C SER A 81 -19.80 9.50 -19.49
N ASP A 82 -20.08 8.57 -18.58
CA ASP A 82 -20.73 8.91 -17.31
C ASP A 82 -20.05 8.28 -16.10
N GLU A 83 -20.47 8.70 -14.91
CA GLU A 83 -19.84 8.25 -13.67
C GLU A 83 -19.91 6.73 -13.48
N ALA A 84 -21.03 6.13 -13.87
CA ALA A 84 -21.20 4.68 -13.73
C ALA A 84 -20.21 3.90 -14.60
N GLY A 85 -19.90 4.46 -15.77
CA GLY A 85 -18.89 3.90 -16.66
C GLY A 85 -17.47 4.07 -16.11
N LEU A 86 -17.22 5.19 -15.45
CA LEU A 86 -15.94 5.43 -14.76
C LEU A 86 -15.75 4.36 -13.69
N MSE A 87 -16.75 4.22 -12.81
CA MSE A 87 -16.72 3.27 -11.71
C MSE A 87 -16.53 1.84 -12.18
O MSE A 87 -15.74 1.10 -11.62
CB MSE A 87 -18.01 3.38 -10.88
CG MSE A 87 -18.11 4.67 -10.14
SE MSE A 87 -19.75 4.95 -9.13
CE MSE A 87 -19.68 3.42 -7.96
N ARG A 88 -17.26 1.45 -13.23
CA ARG A 88 -17.14 0.10 -13.77
C ARG A 88 -15.72 -0.19 -14.24
N GLU A 89 -15.10 0.74 -14.95
CA GLU A 89 -13.78 0.49 -15.52
C GLU A 89 -12.70 0.51 -14.44
N LEU A 90 -12.78 1.43 -13.51
CA LEU A 90 -11.80 1.48 -12.40
C LEU A 90 -11.80 0.15 -11.67
N ARG A 91 -13.00 -0.39 -11.43
CA ARG A 91 -13.14 -1.69 -10.77
C ARG A 91 -12.58 -2.84 -11.62
N LEU A 92 -12.89 -2.85 -12.91
CA LEU A 92 -12.38 -3.89 -13.80
C LEU A 92 -10.84 -3.84 -13.92
N PHE A 93 -10.30 -2.63 -14.00
CA PHE A 93 -8.88 -2.45 -14.20
C PHE A 93 -8.10 -2.88 -12.96
N ARG A 94 -8.60 -2.51 -11.79
CA ARG A 94 -7.97 -2.88 -10.52
C ARG A 94 -7.90 -4.39 -10.41
N ARG A 95 -9.00 -5.06 -10.72
CA ARG A 95 -9.07 -6.51 -10.60
C ARG A 95 -8.15 -7.18 -11.63
N ARG A 96 -8.14 -6.64 -12.85
CA ARG A 96 -7.35 -7.18 -13.95
C ARG A 96 -5.86 -7.11 -13.65
N ILE A 97 -5.39 -5.95 -13.21
CA ILE A 97 -3.98 -5.78 -12.89
C ILE A 97 -3.63 -6.55 -11.63
N MSE A 98 -4.53 -6.57 -10.65
CA MSE A 98 -4.29 -7.32 -9.41
C MSE A 98 -4.07 -8.81 -9.68
O MSE A 98 -3.25 -9.47 -9.02
CB MSE A 98 -5.46 -7.14 -8.44
CG MSE A 98 -5.22 -7.69 -7.05
SE MSE A 98 -3.74 -6.73 -6.18
CE MSE A 98 -4.42 -4.92 -6.31
N VAL A 99 -4.79 -9.35 -10.66
CA VAL A 99 -4.62 -10.74 -11.06
C VAL A 99 -3.21 -10.98 -11.61
N ARG A 100 -2.74 -10.04 -12.42
CA ARG A 100 -1.39 -10.12 -13.00
C ARG A 100 -0.32 -9.98 -11.91
N ILE A 101 -0.56 -9.12 -10.93
CA ILE A 101 0.34 -9.00 -9.78
C ILE A 101 0.35 -10.28 -8.96
N ALA A 102 -0.82 -10.85 -8.67
CA ALA A 102 -0.90 -12.13 -7.97
C ALA A 102 -0.17 -13.23 -8.75
N TRP A 103 -0.31 -13.18 -10.06
CA TRP A 103 0.35 -14.13 -10.94
C TRP A 103 1.88 -14.04 -10.77
N ALA A 104 2.42 -12.84 -10.95
CA ALA A 104 3.86 -12.61 -10.84
C ALA A 104 4.40 -12.99 -9.47
N GLN A 105 3.70 -12.57 -8.40
CA GLN A 105 4.19 -12.82 -7.05
C GLN A 105 4.13 -14.31 -6.66
N THR A 106 3.05 -14.97 -7.04
CA THR A 106 2.88 -16.37 -6.74
C THR A 106 4.01 -17.23 -7.33
N LEU A 107 4.40 -16.91 -8.55
CA LEU A 107 5.38 -17.70 -9.29
C LEU A 107 6.80 -17.12 -9.16
N ALA A 108 6.94 -16.04 -8.41
CA ALA A 108 8.23 -15.37 -8.22
C ALA A 108 8.88 -14.98 -9.55
N LEU A 109 8.07 -14.49 -10.48
CA LEU A 109 8.53 -14.01 -11.77
C LEU A 109 9.18 -12.63 -11.67
N VAL A 110 8.81 -11.87 -10.64
CA VAL A 110 9.53 -10.65 -10.28
C VAL A 110 9.71 -10.62 -8.76
N THR A 111 10.62 -9.78 -8.30
CA THR A 111 10.97 -9.72 -6.90
C THR A 111 9.87 -9.02 -6.12
N GLU A 112 9.80 -9.29 -4.83
CA GLU A 112 8.81 -8.66 -3.96
C GLU A 112 8.90 -7.13 -4.02
N GLU A 113 10.10 -6.58 -4.10
CA GLU A 113 10.28 -5.14 -4.27
C GLU A 113 9.56 -4.60 -5.48
N SER A 114 9.60 -5.34 -6.59
CA SER A 114 8.88 -4.96 -7.77
C SER A 114 7.36 -5.18 -7.62
N ILE A 115 6.94 -6.23 -6.91
CA ILE A 115 5.52 -6.39 -6.57
C ILE A 115 5.03 -5.19 -5.77
N LEU A 116 5.83 -4.74 -4.81
CA LEU A 116 5.47 -3.60 -3.97
C LEU A 116 5.28 -2.34 -4.81
N GLN A 117 6.15 -2.15 -5.80
CA GLN A 117 6.03 -1.00 -6.70
C GLN A 117 4.78 -1.13 -7.59
N GLN A 118 4.47 -2.34 -8.03
CA GLN A 118 3.33 -2.57 -8.91
C GLN A 118 2.02 -2.28 -8.20
N LEU A 119 1.87 -2.83 -6.99
CA LEU A 119 0.70 -2.57 -6.16
C LEU A 119 0.51 -1.09 -5.84
N SER A 120 1.60 -0.40 -5.52
CA SER A 120 1.53 1.01 -5.14
C SER A 120 1.23 1.90 -6.33
N TYR A 121 1.75 1.52 -7.49
CA TYR A 121 1.57 2.33 -8.69
C TYR A 121 0.18 2.12 -9.30
N LEU A 122 -0.32 0.89 -9.24
CA LEU A 122 -1.71 0.60 -9.61
C LEU A 122 -2.65 1.52 -8.83
N ALA A 123 -2.46 1.56 -7.53
CA ALA A 123 -3.31 2.34 -6.65
C ALA A 123 -3.18 3.81 -6.98
N GLU A 124 -1.95 4.30 -7.10
CA GLU A 124 -1.71 5.69 -7.52
C GLU A 124 -2.44 6.03 -8.81
N THR A 125 -2.31 5.14 -9.79
CA THR A 125 -2.83 5.35 -11.13
C THR A 125 -4.34 5.47 -11.11
N LEU A 126 -4.99 4.66 -10.29
CA LEU A 126 -6.44 4.62 -10.22
C LEU A 126 -6.98 5.81 -9.47
N ILE A 127 -6.28 6.22 -8.42
CA ILE A 127 -6.67 7.38 -7.63
C ILE A 127 -6.62 8.62 -8.51
N VAL A 128 -5.51 8.78 -9.22
CA VAL A 128 -5.28 9.95 -10.06
C VAL A 128 -6.27 10.00 -11.22
N ALA A 129 -6.57 8.87 -11.85
CA ALA A 129 -7.48 8.85 -12.98
C ALA A 129 -8.88 9.22 -12.53
N ALA A 130 -9.26 8.69 -11.36
CA ALA A 130 -10.54 8.99 -10.73
C ALA A 130 -10.65 10.47 -10.42
N ARG A 131 -9.59 11.04 -9.84
CA ARG A 131 -9.59 12.43 -9.43
C ARG A 131 -9.65 13.37 -10.62
N ASP A 132 -8.93 13.03 -11.68
CA ASP A 132 -8.90 13.85 -12.90
C ASP A 132 -10.26 13.87 -13.59
N TRP A 133 -10.89 12.71 -13.69
CA TRP A 133 -12.18 12.59 -14.37
C TRP A 133 -13.25 13.36 -13.59
N LEU A 134 -13.25 13.21 -12.26
CA LEU A 134 -14.21 13.91 -11.41
C LEU A 134 -13.96 15.41 -11.31
N TYR A 135 -12.71 15.84 -11.37
CA TYR A 135 -12.41 17.27 -11.40
C TYR A 135 -13.12 17.94 -12.58
N ASP A 136 -12.97 17.34 -13.76
CA ASP A 136 -13.57 17.80 -15.01
C ASP A 136 -15.11 17.84 -14.94
N ALA A 137 -15.71 16.73 -14.51
CA ALA A 137 -17.15 16.62 -14.36
C ALA A 137 -17.72 17.66 -13.38
N CYS A 138 -17.07 17.81 -12.22
CA CYS A 138 -17.51 18.77 -11.20
C CYS A 138 -17.36 20.23 -11.65
N CYS A 139 -16.38 20.48 -12.51
CA CYS A 139 -16.16 21.82 -13.05
C CYS A 139 -17.23 22.13 -14.10
N ARG A 140 -17.50 21.18 -14.98
CA ARG A 140 -18.54 21.32 -16.00
C ARG A 140 -19.95 21.35 -15.41
N GLU A 141 -20.13 20.72 -14.25
CA GLU A 141 -21.42 20.60 -13.60
C GLU A 141 -21.58 21.77 -12.65
N TRP A 142 -20.97 21.67 -11.46
CA TRP A 142 -20.99 22.75 -10.47
C TRP A 142 -20.18 23.95 -10.96
N GLY A 143 -20.36 25.07 -10.28
CA GLY A 143 -19.91 26.38 -10.76
C GLY A 143 -18.52 26.44 -11.34
N THR A 144 -18.39 26.04 -12.61
CA THR A 144 -17.14 26.15 -13.37
C THR A 144 -15.93 25.57 -12.62
N PRO A 145 -14.73 25.72 -13.19
CA PRO A 145 -13.51 25.58 -12.39
C PRO A 145 -13.46 26.56 -11.23
N CYS A 146 -13.43 26.02 -10.01
CA CYS A 146 -13.15 26.79 -8.81
C CYS A 146 -11.81 27.53 -8.94
N ASN A 147 -11.74 28.76 -8.45
CA ASN A 147 -10.50 29.55 -8.52
C ASN A 147 -10.24 30.37 -7.25
N ALA A 148 -9.07 31.01 -7.23
CA ALA A 148 -8.76 32.05 -6.25
C ALA A 148 -8.26 33.24 -7.03
N GLN A 149 -9.14 34.23 -7.20
CA GLN A 149 -8.87 35.45 -7.97
C GLN A 149 -8.40 35.23 -9.43
N GLY A 150 -8.99 34.22 -10.08
CA GLY A 150 -8.71 33.91 -11.48
C GLY A 150 -8.02 32.58 -11.66
N GLU A 151 -7.18 32.21 -10.70
CA GLU A 151 -6.31 31.04 -10.82
C GLU A 151 -7.01 29.75 -10.39
N ALA A 152 -7.03 28.76 -11.27
CA ALA A 152 -7.73 27.49 -11.00
C ALA A 152 -7.09 26.71 -9.86
N GLN A 153 -7.93 26.15 -8.99
CA GLN A 153 -7.50 25.41 -7.80
C GLN A 153 -7.67 23.90 -8.02
N PRO A 154 -6.61 23.11 -7.86
CA PRO A 154 -6.70 21.65 -7.98
C PRO A 154 -6.99 20.97 -6.64
N LEU A 155 -7.44 19.71 -6.70
CA LEU A 155 -7.55 18.89 -5.50
C LEU A 155 -6.24 18.10 -5.32
N LEU A 156 -5.56 18.30 -4.21
CA LEU A 156 -4.36 17.51 -3.91
C LEU A 156 -4.71 16.35 -2.97
N ILE A 157 -4.08 15.21 -3.19
CA ILE A 157 -4.26 14.03 -2.36
C ILE A 157 -2.91 13.54 -1.87
N LEU A 158 -2.76 13.34 -0.57
CA LEU A 158 -1.60 12.67 -0.01
C LEU A 158 -1.96 11.20 0.24
N GLY A 159 -1.21 10.26 -0.33
CA GLY A 159 -1.25 8.88 0.12
C GLY A 159 -0.42 8.73 1.39
N MSE A 160 -0.95 8.04 2.40
CA MSE A 160 -0.29 7.85 3.68
C MSE A 160 0.15 6.40 3.83
O MSE A 160 -0.18 5.55 2.99
CB MSE A 160 -1.22 8.23 4.82
CG MSE A 160 -1.79 9.64 4.72
SE MSE A 160 -0.42 11.01 4.91
CE MSE A 160 -0.19 10.80 6.75
N GLY A 161 0.89 6.14 4.90
CA GLY A 161 1.36 4.80 5.22
C GLY A 161 2.11 4.14 4.08
N LYS A 162 1.81 2.87 3.81
CA LYS A 162 2.48 2.08 2.79
C LYS A 162 2.22 2.59 1.36
N LEU A 163 1.08 3.22 1.12
CA LEU A 163 0.81 3.83 -0.18
C LEU A 163 1.78 4.98 -0.45
N GLY A 164 1.88 5.90 0.49
CA GLY A 164 2.86 6.97 0.45
C GLY A 164 4.28 6.45 0.30
N GLY A 165 4.60 5.38 1.01
CA GLY A 165 5.91 4.76 0.93
C GLY A 165 6.18 3.90 -0.30
N GLY A 166 5.19 3.72 -1.17
CA GLY A 166 5.37 2.91 -2.35
C GLY A 166 5.56 1.42 -2.07
N GLU A 167 4.98 0.95 -0.96
CA GLU A 167 5.16 -0.41 -0.48
C GLU A 167 3.81 -0.99 -0.01
N LEU A 168 2.74 -0.59 -0.69
CA LEU A 168 1.36 -1.02 -0.39
C LEU A 168 1.21 -2.53 -0.20
N ASN A 169 0.35 -2.90 0.76
CA ASN A 169 -0.09 -4.29 0.96
C ASN A 169 -0.91 -4.73 -0.25
N PHE A 170 -0.93 -6.03 -0.49
CA PHE A 170 -1.64 -6.60 -1.63
C PHE A 170 -3.15 -6.35 -1.53
N SER A 171 -3.72 -6.57 -0.34
CA SER A 171 -5.11 -6.22 -0.07
C SER A 171 -5.11 -5.13 0.99
N SER A 172 -5.40 -3.90 0.58
CA SER A 172 -5.21 -2.74 1.42
C SER A 172 -6.26 -1.66 1.24
N ASP A 173 -6.60 -1.02 2.35
CA ASP A 173 -7.21 0.30 2.32
C ASP A 173 -6.21 1.23 1.66
N ILE A 174 -6.69 2.38 1.22
CA ILE A 174 -5.82 3.49 0.89
C ILE A 174 -6.15 4.60 1.88
N ASP A 175 -5.16 4.97 2.68
CA ASP A 175 -5.32 6.05 3.65
C ASP A 175 -4.94 7.34 2.93
N LEU A 176 -5.87 8.28 2.83
CA LEU A 176 -5.67 9.52 2.11
C LEU A 176 -5.95 10.76 2.94
N ILE A 177 -5.39 11.87 2.47
CA ILE A 177 -5.70 13.20 2.98
C ILE A 177 -5.92 14.11 1.78
N PHE A 178 -7.00 14.88 1.84
CA PHE A 178 -7.41 15.78 0.78
C PHE A 178 -7.15 17.21 1.21
N ALA A 179 -6.67 18.03 0.29
CA ALA A 179 -6.51 19.47 0.52
C ALA A 179 -6.58 20.27 -0.78
N TRP A 180 -6.88 21.56 -0.69
CA TRP A 180 -6.79 22.46 -1.85
C TRP A 180 -6.08 23.75 -1.43
N PRO A 181 -5.42 24.43 -2.36
CA PRO A 181 -4.56 25.57 -1.99
C PRO A 181 -5.32 26.82 -1.54
N GLU A 182 -5.95 27.53 -2.49
CA GLU A 182 -6.54 28.83 -2.23
C GLU A 182 -8.06 28.78 -2.45
N ARG A 191 -12.75 31.14 -5.00
CA ARG A 191 -14.10 30.59 -4.98
C ARG A 191 -14.75 30.64 -6.37
N GLU A 192 -15.44 29.56 -6.73
CA GLU A 192 -16.49 29.59 -7.75
C GLU A 192 -17.48 28.48 -7.40
N LEU A 193 -18.64 28.90 -6.88
CA LEU A 193 -19.58 28.07 -6.10
C LEU A 193 -19.13 27.94 -4.63
N ASP A 194 -18.08 28.68 -4.25
CA ASP A 194 -17.39 28.56 -2.96
C ASP A 194 -16.46 27.34 -2.96
N ASN A 195 -15.17 27.60 -2.79
CA ASN A 195 -14.14 26.57 -2.91
C ASN A 195 -14.29 25.43 -1.91
N ALA A 196 -14.57 25.75 -0.65
CA ALA A 196 -14.65 24.74 0.42
C ALA A 196 -15.77 23.73 0.20
N GLN A 197 -16.96 24.24 -0.15
CA GLN A 197 -18.10 23.37 -0.46
C GLN A 197 -17.88 22.57 -1.74
N PHE A 198 -17.17 23.15 -2.70
CA PHE A 198 -16.93 22.49 -3.98
C PHE A 198 -16.04 21.25 -3.81
N PHE A 199 -14.97 21.41 -3.03
CA PHE A 199 -13.99 20.34 -2.87
C PHE A 199 -14.49 19.27 -1.89
N THR A 200 -15.34 19.65 -0.95
CA THR A 200 -15.99 18.67 -0.08
C THR A 200 -16.84 17.72 -0.92
N ARG A 201 -17.65 18.31 -1.81
CA ARG A 201 -18.53 17.56 -2.68
C ARG A 201 -17.75 16.67 -3.62
N MSE A 202 -16.68 17.22 -4.18
CA MSE A 202 -15.84 16.43 -5.09
C MSE A 202 -15.15 15.32 -4.30
O MSE A 202 -15.00 14.22 -4.82
CB MSE A 202 -14.82 17.31 -5.79
CG MSE A 202 -13.83 16.53 -6.60
SE MSE A 202 -12.47 17.71 -7.25
CE MSE A 202 -11.52 16.45 -8.22
N GLY A 203 -14.74 15.62 -3.07
CA GLY A 203 -14.07 14.66 -2.20
C GLY A 203 -14.98 13.49 -1.87
N GLN A 204 -16.28 13.78 -1.75
CA GLN A 204 -17.29 12.79 -1.45
C GLN A 204 -17.51 11.88 -2.65
N ARG A 205 -17.65 12.47 -3.83
CA ARG A 205 -17.78 11.71 -5.05
C ARG A 205 -16.55 10.84 -5.32
N LEU A 206 -15.36 11.34 -4.99
CA LEU A 206 -14.12 10.57 -5.21
C LEU A 206 -14.06 9.32 -4.32
N ILE A 207 -14.42 9.48 -3.05
CA ILE A 207 -14.43 8.36 -2.11
C ILE A 207 -15.43 7.31 -2.59
N LYS A 208 -16.61 7.77 -2.99
CA LYS A 208 -17.63 6.88 -3.54
C LYS A 208 -17.14 6.10 -4.75
N VAL A 209 -16.55 6.80 -5.70
CA VAL A 209 -16.12 6.18 -6.94
C VAL A 209 -15.05 5.12 -6.69
N LEU A 210 -14.20 5.35 -5.68
CA LEU A 210 -13.15 4.40 -5.33
C LEU A 210 -13.63 3.25 -4.46
N ASP A 211 -14.56 3.51 -3.55
CA ASP A 211 -14.82 2.56 -2.46
C ASP A 211 -16.20 1.87 -2.42
N GLN A 212 -17.18 2.37 -3.16
CA GLN A 212 -18.55 1.83 -3.12
C GLN A 212 -18.64 0.46 -3.80
N PRO A 213 -19.07 -0.58 -3.09
CA PRO A 213 -19.34 -1.87 -3.73
C PRO A 213 -20.50 -1.76 -4.70
N THR A 214 -20.25 -2.12 -5.96
CA THR A 214 -21.29 -2.25 -6.95
C THR A 214 -21.31 -3.72 -7.38
N GLN A 215 -21.99 -3.97 -8.48
CA GLN A 215 -21.99 -5.28 -9.15
C GLN A 215 -20.59 -5.68 -9.65
N ASP A 216 -19.72 -4.70 -9.85
CA ASP A 216 -18.33 -4.94 -10.27
C ASP A 216 -17.33 -4.91 -9.11
N GLY A 217 -17.83 -4.82 -7.88
CA GLY A 217 -16.99 -4.76 -6.70
C GLY A 217 -16.59 -3.34 -6.34
N PHE A 218 -15.40 -3.19 -5.80
CA PHE A 218 -14.86 -1.87 -5.48
C PHE A 218 -13.40 -1.72 -5.96
N VAL A 219 -12.87 -0.50 -5.90
CA VAL A 219 -11.49 -0.25 -6.32
C VAL A 219 -10.58 -0.42 -5.09
N TYR A 220 -10.72 0.48 -4.11
CA TYR A 220 -10.09 0.34 -2.80
C TYR A 220 -11.03 0.81 -1.73
N ARG A 221 -10.99 0.15 -0.57
CA ARG A 221 -11.62 0.68 0.63
C ARG A 221 -10.81 1.92 1.01
N VAL A 222 -11.48 3.05 1.22
CA VAL A 222 -10.79 4.30 1.51
C VAL A 222 -10.95 4.67 2.98
N ASP A 223 -9.85 5.07 3.60
CA ASP A 223 -9.82 5.47 5.00
C ASP A 223 -9.28 6.90 5.11
N MSE A 224 -10.16 7.81 5.50
CA MSE A 224 -9.85 9.22 5.63
C MSE A 224 -9.50 9.67 7.06
O MSE A 224 -9.28 10.85 7.30
CB MSE A 224 -11.07 10.04 5.17
CG MSE A 224 -11.55 9.72 3.76
SE MSE A 224 -10.21 10.05 2.38
CE MSE A 224 -9.64 11.84 2.96
N ARG A 225 -9.43 8.72 8.00
CA ARG A 225 -9.32 9.04 9.44
C ARG A 225 -8.01 9.70 9.89
N LEU A 226 -6.94 9.57 9.11
CA LEU A 226 -5.66 10.19 9.47
C LEU A 226 -5.61 11.70 9.22
N ARG A 227 -6.63 12.24 8.55
CA ARG A 227 -6.68 13.68 8.26
C ARG A 227 -6.73 14.49 9.55
N PRO A 228 -6.29 15.75 9.48
CA PRO A 228 -6.41 16.66 10.62
C PRO A 228 -7.84 16.70 11.16
N PHE A 229 -7.96 16.64 12.50
CA PHE A 229 -9.25 16.64 13.22
C PHE A 229 -10.04 15.33 13.08
N GLY A 230 -9.33 14.25 12.75
CA GLY A 230 -9.91 12.91 12.74
C GLY A 230 -11.19 12.71 11.95
N GLU A 231 -11.95 11.70 12.36
CA GLU A 231 -13.18 11.30 11.65
C GLU A 231 -14.30 12.36 11.69
N SER A 232 -14.27 13.23 12.71
CA SER A 232 -15.34 14.21 12.91
C SER A 232 -15.17 15.49 12.08
N GLY A 233 -13.93 15.80 11.71
CA GLY A 233 -13.59 17.06 11.06
C GLY A 233 -13.84 17.09 9.57
N PRO A 234 -13.66 18.26 8.94
CA PRO A 234 -13.93 18.40 7.51
C PRO A 234 -13.14 17.42 6.63
N LEU A 235 -13.71 17.07 5.49
CA LEU A 235 -13.14 16.05 4.60
C LEU A 235 -11.93 16.57 3.83
N VAL A 236 -11.93 17.87 3.56
CA VAL A 236 -10.88 18.56 2.82
C VAL A 236 -10.55 19.89 3.52
N LEU A 237 -9.27 20.25 3.55
CA LEU A 237 -8.83 21.49 4.19
C LEU A 237 -8.07 22.39 3.21
N SER A 238 -8.09 23.69 3.45
CA SER A 238 -7.28 24.62 2.66
C SER A 238 -5.84 24.46 3.11
N PHE A 239 -4.89 25.00 2.35
CA PHE A 239 -3.49 24.96 2.76
C PHE A 239 -3.28 25.74 4.05
N ALA A 240 -3.93 26.91 4.15
CA ALA A 240 -3.80 27.73 5.37
C ALA A 240 -4.18 26.96 6.61
N ALA A 241 -5.34 26.29 6.58
CA ALA A 241 -5.83 25.50 7.70
C ALA A 241 -4.98 24.24 7.91
N LEU A 242 -4.49 23.63 6.84
CA LEU A 242 -3.56 22.51 6.96
C LEU A 242 -2.30 22.98 7.69
N GLU A 243 -1.70 24.06 7.19
CA GLU A 243 -0.49 24.64 7.77
C GLU A 243 -0.63 24.93 9.25
N ASP A 244 -1.71 25.61 9.61
CA ASP A 244 -1.98 25.99 10.98
C ASP A 244 -2.10 24.79 11.91
N TYR A 245 -2.77 23.76 11.43
CA TYR A 245 -3.00 22.57 12.25
C TYR A 245 -1.69 21.93 12.71
N TYR A 246 -0.78 21.67 11.77
CA TYR A 246 0.48 21.01 12.10
C TYR A 246 1.44 21.91 12.86
N GLN A 247 1.56 23.17 12.44
CA GLN A 247 2.43 24.11 13.15
C GLN A 247 2.02 24.32 14.61
N GLU A 248 0.72 24.29 14.87
CA GLU A 248 0.19 24.69 16.18
C GLU A 248 -0.19 23.52 17.09
N GLN A 249 -0.73 22.45 16.51
CA GLN A 249 -1.18 21.27 17.26
C GLN A 249 -0.50 19.95 16.89
N GLY A 250 0.30 19.94 15.82
CA GLY A 250 0.99 18.73 15.37
C GLY A 250 1.84 18.09 16.45
N ARG A 251 1.82 16.76 16.53
CA ARG A 251 2.54 15.99 17.56
C ARG A 251 3.44 14.90 16.94
N ASP A 252 4.30 14.27 17.72
CA ASP A 252 5.30 13.33 17.17
C ASP A 252 4.68 12.11 16.46
N TRP A 253 3.57 11.57 16.98
CA TRP A 253 2.87 10.50 16.26
C TRP A 253 2.43 10.98 14.88
N GLU A 254 2.08 12.26 14.76
CA GLU A 254 1.75 12.86 13.46
C GLU A 254 2.99 13.09 12.58
N ARG A 255 4.13 13.46 13.17
CA ARG A 255 5.36 13.57 12.38
C ARG A 255 5.74 12.20 11.80
N TYR A 256 5.58 11.16 12.64
CA TYR A 256 5.85 9.77 12.28
C TYR A 256 5.02 9.36 11.06
N ALA A 257 3.74 9.67 11.08
CA ALA A 257 2.86 9.36 9.97
C ALA A 257 3.26 10.12 8.71
N MSE A 258 3.63 11.37 8.87
CA MSE A 258 3.91 12.23 7.73
C MSE A 258 5.27 11.93 7.07
O MSE A 258 5.53 12.39 5.97
CB MSE A 258 3.80 13.69 8.14
CG MSE A 258 2.36 14.13 8.54
SE MSE A 258 1.01 13.80 7.34
CE MSE A 258 1.55 14.59 6.11
N VAL A 259 6.13 11.14 7.72
CA VAL A 259 7.33 10.63 7.04
C VAL A 259 6.93 9.93 5.72
N LYS A 260 5.77 9.28 5.73
CA LYS A 260 5.30 8.49 4.61
C LYS A 260 4.51 9.26 3.55
N ALA A 261 4.05 10.45 3.89
CA ALA A 261 3.11 11.19 3.03
C ALA A 261 3.70 11.56 1.66
N ARG A 262 2.98 11.18 0.61
CA ARG A 262 3.40 11.48 -0.74
C ARG A 262 2.21 11.98 -1.56
N ILE A 263 2.43 12.99 -2.40
CA ILE A 263 1.40 13.52 -3.28
C ILE A 263 1.14 12.50 -4.38
N MSE A 264 -0.12 12.13 -4.58
CA MSE A 264 -0.48 11.26 -5.69
C MSE A 264 -0.61 12.07 -6.99
O MSE A 264 -1.25 13.14 -7.00
CB MSE A 264 -1.81 10.54 -5.40
CG MSE A 264 -1.73 9.05 -5.65
SE MSE A 264 -0.99 8.19 -4.08
CE MSE A 264 -0.14 6.77 -4.71
N GLY A 265 -0.06 11.55 -8.08
CA GLY A 265 -0.07 12.21 -9.37
C GLY A 265 1.16 13.05 -9.56
N ASP A 266 1.03 14.19 -10.23
CA ASP A 266 2.17 15.08 -10.46
C ASP A 266 2.51 15.86 -9.19
N SER A 267 3.69 15.57 -8.65
CA SER A 267 4.22 16.30 -7.51
C SER A 267 5.19 17.38 -8.02
N GLU A 268 4.65 18.34 -8.78
CA GLU A 268 5.45 19.43 -9.33
C GLU A 268 4.57 20.63 -9.68
N GLY A 269 4.60 21.64 -8.81
CA GLY A 269 3.85 22.87 -9.02
C GLY A 269 3.94 23.78 -7.81
N VAL A 270 3.51 25.03 -7.94
CA VAL A 270 3.57 25.97 -6.81
C VAL A 270 2.83 25.43 -5.58
N TYR A 271 1.74 24.70 -5.82
CA TYR A 271 0.91 24.12 -4.76
C TYR A 271 1.51 22.83 -4.21
N ALA A 272 1.91 21.93 -5.09
CA ALA A 272 2.61 20.73 -4.66
C ALA A 272 3.85 21.08 -3.81
N ASN A 273 4.48 22.21 -4.10
CA ASN A 273 5.70 22.65 -3.43
C ASN A 273 5.46 23.34 -2.08
N GLU A 274 4.36 24.08 -1.95
CA GLU A 274 4.03 24.68 -0.66
C GLU A 274 3.67 23.58 0.32
N LEU A 275 3.10 22.48 -0.19
CA LEU A 275 2.70 21.36 0.66
C LEU A 275 3.94 20.67 1.20
N ARG A 276 4.87 20.33 0.31
CA ARG A 276 6.14 19.72 0.72
C ARG A 276 6.92 20.60 1.68
N ALA A 277 6.80 21.93 1.51
CA ALA A 277 7.45 22.90 2.37
C ALA A 277 6.87 22.96 3.78
N MSE A 278 5.55 22.79 3.90
CA MSE A 278 4.89 22.68 5.20
C MSE A 278 5.40 21.45 5.95
O MSE A 278 5.74 21.52 7.13
CB MSE A 278 3.36 22.57 5.01
CG MSE A 278 2.53 22.35 6.26
SE MSE A 278 0.80 21.76 5.90
CE MSE A 278 0.52 22.50 4.30
N LEU A 279 5.48 20.33 5.24
CA LEU A 279 5.78 19.05 5.90
C LEU A 279 7.25 18.89 6.31
N ARG A 280 8.16 19.50 5.57
CA ARG A 280 9.60 19.28 5.80
C ARG A 280 10.04 19.75 7.21
N PRO A 281 9.78 20.99 7.59
CA PRO A 281 10.14 21.47 8.94
C PRO A 281 9.35 20.82 10.06
N PHE A 282 8.14 20.34 9.74
CA PHE A 282 7.31 19.65 10.72
C PHE A 282 7.88 18.26 11.02
N VAL A 283 8.14 17.48 9.98
CA VAL A 283 8.57 16.08 10.14
C VAL A 283 10.02 15.99 10.58
N PHE A 284 10.86 16.72 9.86
CA PHE A 284 12.30 16.67 10.00
C PHE A 284 12.87 17.91 10.68
N ARG A 285 12.93 17.86 12.00
CA ARG A 285 13.53 18.92 12.78
C ARG A 285 15.05 18.87 12.65
N ARG A 286 15.65 20.06 12.53
CA ARG A 286 17.10 20.20 12.42
C ARG A 286 17.79 20.24 13.78
N TYR A 287 17.03 20.51 14.83
CA TYR A 287 17.58 20.57 16.19
C TYR A 287 16.83 19.57 17.06
N ILE A 288 17.57 18.61 17.60
CA ILE A 288 17.01 17.53 18.42
C ILE A 288 17.60 17.60 19.82
N ASP A 289 16.73 17.58 20.84
CA ASP A 289 17.16 17.60 22.25
C ASP A 289 16.61 16.39 23.01
N PHE A 290 16.87 16.34 24.32
CA PHE A 290 16.43 15.22 25.16
C PHE A 290 14.92 14.97 25.14
N SER A 291 14.13 16.03 25.06
CA SER A 291 12.66 15.89 25.03
C SER A 291 12.16 15.16 23.77
N VAL A 292 12.82 15.39 22.64
CA VAL A 292 12.48 14.69 21.40
C VAL A 292 12.84 13.22 21.49
N ILE A 293 14.02 12.93 22.02
CA ILE A 293 14.47 11.54 22.18
C ILE A 293 13.59 10.78 23.18
N GLN A 294 13.19 11.44 24.26
CA GLN A 294 12.35 10.78 25.27
C GLN A 294 10.95 10.53 24.74
N SER A 295 10.45 11.46 23.94
CA SER A 295 9.18 11.28 23.26
C SER A 295 9.23 9.96 22.46
N LEU A 296 10.29 9.81 21.66
CA LEU A 296 10.46 8.59 20.88
C LEU A 296 10.58 7.33 21.78
N ARG A 297 11.22 7.46 22.93
CA ARG A 297 11.28 6.35 23.89
C ARG A 297 9.91 5.99 24.45
N ASN A 298 9.06 6.99 24.67
CA ASN A 298 7.72 6.76 25.20
C ASN A 298 6.85 6.09 24.14
N MSE A 299 7.03 6.47 22.88
CA MSE A 299 6.29 5.88 21.77
C MSE A 299 6.72 4.42 21.62
O MSE A 299 5.88 3.54 21.43
CB MSE A 299 6.56 6.66 20.47
CG MSE A 299 6.01 8.08 20.48
SE MSE A 299 6.77 9.29 19.15
CE MSE A 299 7.47 10.56 20.12
N LYS A 300 8.02 4.18 21.78
CA LYS A 300 8.60 2.84 21.80
C LYS A 300 8.02 1.98 22.93
N GLY A 301 7.91 2.57 24.12
CA GLY A 301 7.33 1.89 25.26
C GLY A 301 5.87 1.50 25.02
N MSE A 302 5.14 2.37 24.34
CA MSE A 302 3.73 2.13 24.05
C MSE A 302 3.55 0.92 23.12
O MSE A 302 2.62 0.15 23.30
CB MSE A 302 3.08 3.38 23.44
CG MSE A 302 1.77 3.14 22.67
SE MSE A 302 1.09 4.66 21.95
CE MSE A 302 1.98 6.06 22.98
N ILE A 303 4.43 0.79 22.14
CA ILE A 303 4.42 -0.37 21.26
C ILE A 303 4.78 -1.60 22.07
N ALA A 304 5.81 -1.50 22.89
CA ALA A 304 6.27 -2.66 23.66
C ALA A 304 5.23 -3.13 24.67
N ARG A 305 4.42 -2.22 25.19
CA ARG A 305 3.39 -2.57 26.17
C ARG A 305 2.22 -3.22 25.45
N GLU A 306 1.92 -2.72 24.25
CA GLU A 306 0.88 -3.29 23.41
C GLU A 306 1.21 -4.73 23.00
N VAL A 307 2.50 -4.98 22.73
CA VAL A 307 2.95 -6.31 22.35
C VAL A 307 2.83 -7.26 23.55
N ARG A 308 3.46 -6.89 24.65
CA ARG A 308 3.39 -7.66 25.90
C ARG A 308 1.96 -7.98 26.32
N ARG A 309 1.05 -7.04 26.10
CA ARG A 309 -0.36 -7.18 26.50
C ARG A 309 -1.10 -8.22 25.66
N ARG A 310 -0.93 -8.17 24.33
CA ARG A 310 -1.63 -9.06 23.41
C ARG A 310 -1.13 -10.50 23.51
N GLY A 311 0.10 -10.67 24.00
CA GLY A 311 0.66 -11.99 24.24
C GLY A 311 0.96 -12.75 22.97
N LEU A 312 1.05 -14.08 23.11
CA LEU A 312 1.36 -14.97 22.00
C LEU A 312 0.42 -14.70 20.84
N THR A 313 0.98 -14.51 19.65
CA THR A 313 0.19 -14.13 18.49
C THR A 313 0.79 -14.63 17.18
N ASP A 314 -0.07 -14.93 16.22
CA ASP A 314 0.37 -15.23 14.86
C ASP A 314 0.25 -14.01 13.93
N ASN A 315 0.16 -12.81 14.51
CA ASN A 315 0.07 -11.58 13.73
C ASN A 315 1.47 -11.12 13.30
N ILE A 316 1.71 -11.18 11.98
CA ILE A 316 2.93 -10.75 11.26
C ILE A 316 3.21 -9.24 11.37
N LYS A 317 2.16 -8.44 11.43
CA LYS A 317 2.26 -6.98 11.52
C LYS A 317 2.57 -6.49 12.94
N LEU A 318 1.75 -6.91 13.91
CA LEU A 318 1.79 -6.39 15.29
C LEU A 318 2.62 -7.20 16.28
N GLY A 319 2.97 -8.43 15.91
CA GLY A 319 3.74 -9.29 16.79
C GLY A 319 5.13 -8.71 17.06
N ALA A 320 5.77 -9.20 18.11
CA ALA A 320 7.14 -8.84 18.40
C ALA A 320 8.01 -9.28 17.25
N GLY A 321 8.84 -8.37 16.74
CA GLY A 321 9.64 -8.58 15.56
C GLY A 321 8.90 -8.42 14.23
N GLY A 322 7.68 -7.90 14.26
CA GLY A 322 6.85 -7.81 13.08
C GLY A 322 7.12 -6.58 12.21
N ILE A 323 6.30 -6.42 11.18
CA ILE A 323 6.48 -5.36 10.19
C ILE A 323 6.42 -3.99 10.86
N ARG A 324 5.51 -3.82 11.81
CA ARG A 324 5.32 -2.53 12.46
C ARG A 324 6.55 -2.13 13.26
N GLU A 325 7.24 -3.09 13.87
CA GLU A 325 8.48 -2.78 14.57
C GLU A 325 9.62 -2.39 13.65
N ILE A 326 9.70 -2.97 12.44
CA ILE A 326 10.71 -2.55 11.46
C ILE A 326 10.45 -1.11 10.98
N GLU A 327 9.20 -0.81 10.68
CA GLU A 327 8.81 0.54 10.29
C GLU A 327 9.18 1.52 11.40
N PHE A 328 8.90 1.14 12.65
CA PHE A 328 9.23 2.00 13.79
C PHE A 328 10.73 2.28 13.87
N ILE A 329 11.54 1.22 13.79
CA ILE A 329 12.99 1.37 13.87
C ILE A 329 13.48 2.37 12.82
N VAL A 330 13.00 2.20 11.59
CA VAL A 330 13.48 2.97 10.46
C VAL A 330 13.04 4.43 10.59
N GLN A 331 11.77 4.64 10.89
CA GLN A 331 11.23 5.99 11.00
C GLN A 331 11.78 6.76 12.22
N VAL A 332 12.21 6.05 13.25
CA VAL A 332 12.81 6.68 14.41
C VAL A 332 14.12 7.37 13.98
N PHE A 333 14.96 6.65 13.23
CA PHE A 333 16.16 7.26 12.66
C PHE A 333 15.89 8.42 11.75
N GLN A 334 14.79 8.35 10.98
CA GLN A 334 14.41 9.44 10.11
C GLN A 334 14.01 10.69 10.90
N LEU A 335 13.27 10.48 11.97
CA LEU A 335 12.84 11.60 12.82
C LEU A 335 14.03 12.25 13.57
N ILE A 336 15.03 11.45 13.95
CA ILE A 336 16.18 11.99 14.68
C ILE A 336 17.11 12.72 13.72
N ARG A 337 17.52 12.04 12.65
CA ARG A 337 18.61 12.51 11.80
C ARG A 337 18.20 13.05 10.42
N GLY A 338 16.96 12.81 10.01
CA GLY A 338 16.47 13.27 8.71
C GLY A 338 16.65 14.75 8.41
N GLY A 339 16.46 15.58 9.43
CA GLY A 339 16.64 17.01 9.30
C GLY A 339 18.05 17.39 8.84
N ARG A 340 19.06 16.63 9.31
CA ARG A 340 20.46 16.86 8.96
C ARG A 340 21.04 15.92 7.89
N GLU A 341 20.24 14.95 7.43
CA GLU A 341 20.69 13.94 6.48
C GLU A 341 19.60 13.75 5.42
N PRO A 342 19.67 14.47 4.31
CA PRO A 342 18.64 14.34 3.27
C PRO A 342 18.39 12.90 2.80
N SER A 343 19.35 11.99 2.93
CA SER A 343 19.12 10.62 2.46
C SER A 343 18.11 9.85 3.34
N LEU A 344 17.82 10.38 4.53
CA LEU A 344 16.83 9.78 5.44
C LEU A 344 15.46 10.45 5.36
N GLN A 345 15.22 11.20 4.29
CA GLN A 345 13.92 11.87 4.09
C GLN A 345 13.04 11.16 3.06
N SER A 346 13.50 10.01 2.59
CA SER A 346 12.71 9.17 1.69
C SER A 346 11.42 8.70 2.37
N ARG A 347 10.38 8.50 1.55
CA ARG A 347 9.08 8.00 2.03
C ARG A 347 9.10 6.48 2.13
N SER A 348 10.02 5.84 1.42
CA SER A 348 10.06 4.38 1.31
C SER A 348 11.05 3.80 2.29
N LEU A 349 10.64 2.71 2.95
CA LEU A 349 11.43 2.09 4.01
C LEU A 349 12.79 1.55 3.53
N LEU A 350 12.81 0.80 2.43
CA LEU A 350 14.03 0.09 2.00
C LEU A 350 15.19 1.00 1.55
N PRO A 351 14.94 2.06 0.76
CA PRO A 351 16.00 3.04 0.52
C PRO A 351 16.45 3.75 1.80
N THR A 352 15.56 3.91 2.76
CA THR A 352 15.94 4.53 4.03
C THR A 352 16.90 3.62 4.78
N LEU A 353 16.57 2.33 4.79
CA LEU A 353 17.40 1.32 5.44
C LEU A 353 18.80 1.31 4.83
N SER A 354 18.88 1.45 3.51
CA SER A 354 20.16 1.50 2.82
C SER A 354 20.96 2.71 3.27
N ALA A 355 20.29 3.85 3.44
CA ALA A 355 20.95 5.06 3.91
C ALA A 355 21.36 4.95 5.38
N ILE A 356 20.55 4.27 6.17
CA ILE A 356 20.88 4.03 7.58
C ILE A 356 22.20 3.26 7.68
N ALA A 357 22.38 2.28 6.80
CA ALA A 357 23.62 1.49 6.72
C ALA A 357 24.82 2.34 6.28
N GLU A 358 24.63 3.15 5.24
CA GLU A 358 25.70 3.99 4.71
C GLU A 358 26.17 5.05 5.70
N LEU A 359 25.29 5.49 6.59
CA LEU A 359 25.62 6.50 7.58
C LEU A 359 26.16 5.87 8.87
N HIS A 360 26.17 4.54 8.93
CA HIS A 360 26.65 3.77 10.09
C HIS A 360 25.75 4.00 11.32
N LEU A 361 24.49 4.38 11.09
CA LEU A 361 23.51 4.52 12.17
C LEU A 361 23.10 3.16 12.77
N LEU A 362 23.12 2.13 11.93
CA LEU A 362 23.09 0.75 12.39
C LEU A 362 24.33 0.08 11.80
N SER A 363 24.77 -1.02 12.39
CA SER A 363 25.83 -1.84 11.80
C SER A 363 25.30 -2.50 10.54
N GLU A 364 26.20 -3.02 9.72
CA GLU A 364 25.78 -3.63 8.45
C GLU A 364 25.03 -4.93 8.75
N ASN A 365 25.54 -5.69 9.72
CA ASN A 365 24.85 -6.86 10.25
C ASN A 365 23.37 -6.57 10.59
N ASP A 366 23.13 -5.51 11.35
CA ASP A 366 21.78 -5.14 11.76
C ASP A 366 20.92 -4.70 10.58
N ALA A 367 21.48 -3.87 9.71
CA ALA A 367 20.73 -3.26 8.61
C ALA A 367 20.32 -4.30 7.56
N GLU A 368 21.23 -5.23 7.26
CA GLU A 368 20.97 -6.30 6.28
C GLU A 368 19.99 -7.32 6.85
N GLN A 369 20.05 -7.57 8.15
CA GLN A 369 19.08 -8.45 8.79
C GLN A 369 17.68 -7.84 8.82
N LEU A 370 17.61 -6.52 8.95
CA LEU A 370 16.33 -5.82 8.93
C LEU A 370 15.73 -5.86 7.51
N ARG A 371 16.57 -5.64 6.51
CA ARG A 371 16.10 -5.61 5.13
C ARG A 371 15.55 -6.98 4.76
N VAL A 372 16.28 -8.01 5.12
CA VAL A 372 15.91 -9.38 4.76
C VAL A 372 14.66 -9.80 5.53
N ALA A 373 14.55 -9.43 6.80
CA ALA A 373 13.34 -9.68 7.59
C ALA A 373 12.14 -8.96 6.99
N TYR A 374 12.34 -7.72 6.55
CA TYR A 374 11.26 -6.92 6.01
C TYR A 374 10.73 -7.58 4.75
N LEU A 375 11.63 -8.01 3.88
CA LEU A 375 11.20 -8.56 2.59
C LEU A 375 10.56 -9.95 2.73
N PHE A 376 11.05 -10.72 3.70
CA PHE A 376 10.44 -11.97 4.07
C PHE A 376 9.03 -11.75 4.59
N LEU A 377 8.88 -10.84 5.55
CA LEU A 377 7.57 -10.56 6.14
C LEU A 377 6.56 -10.02 5.11
N ARG A 378 7.00 -9.12 4.24
CA ARG A 378 6.12 -8.49 3.24
C ARG A 378 5.69 -9.51 2.20
N ARG A 379 6.63 -10.35 1.75
CA ARG A 379 6.32 -11.40 0.79
C ARG A 379 5.31 -12.36 1.38
N LEU A 380 5.55 -12.76 2.63
CA LEU A 380 4.69 -13.68 3.35
C LEU A 380 3.28 -13.13 3.56
N GLU A 381 3.17 -11.88 4.02
CA GLU A 381 1.86 -11.28 4.21
C GLU A 381 1.13 -10.99 2.90
N ASN A 382 1.84 -10.51 1.89
CA ASN A 382 1.23 -10.18 0.59
C ASN A 382 0.80 -11.43 -0.18
N LEU A 383 1.57 -12.50 -0.04
CA LEU A 383 1.14 -13.81 -0.55
C LEU A 383 -0.15 -14.26 0.12
N LEU A 384 -0.17 -14.18 1.46
CA LEU A 384 -1.31 -14.59 2.28
C LEU A 384 -2.58 -13.82 1.90
N GLN A 385 -2.42 -12.52 1.74
CA GLN A 385 -3.53 -11.63 1.35
C GLN A 385 -4.05 -11.93 -0.04
N SER A 386 -3.15 -12.33 -0.94
CA SER A 386 -3.53 -12.66 -2.31
C SER A 386 -4.29 -13.99 -2.45
N ILE A 387 -4.37 -14.79 -1.39
CA ILE A 387 -5.10 -16.07 -1.45
C ILE A 387 -6.61 -15.81 -1.68
N ASN A 388 -7.18 -14.89 -0.92
CA ASN A 388 -8.60 -14.53 -1.06
C ASN A 388 -8.82 -13.02 -1.17
N ASP A 389 -7.75 -12.26 -1.40
CA ASP A 389 -7.82 -10.80 -1.44
C ASP A 389 -8.50 -10.25 -0.18
N GLU A 390 -7.99 -10.66 0.97
CA GLU A 390 -8.44 -10.17 2.28
C GLU A 390 -7.29 -9.48 2.99
N GLN A 391 -7.64 -8.54 3.85
CA GLN A 391 -6.67 -7.76 4.62
C GLN A 391 -6.25 -8.46 5.91
N THR A 392 -5.65 -9.63 5.78
CA THR A 392 -5.27 -10.40 6.96
C THR A 392 -3.78 -10.16 7.28
N GLN A 393 -3.49 -10.08 8.58
CA GLN A 393 -2.14 -9.93 9.09
C GLN A 393 -1.73 -11.17 9.88
N THR A 394 -2.62 -12.16 9.96
CA THR A 394 -2.46 -13.31 10.85
C THR A 394 -2.21 -14.59 10.06
N LEU A 395 -1.25 -15.40 10.49
CA LEU A 395 -0.98 -16.68 9.81
C LEU A 395 -2.20 -17.58 9.91
N PRO A 396 -2.47 -18.35 8.86
CA PRO A 396 -3.63 -19.24 8.85
C PRO A 396 -3.49 -20.39 9.86
N SER A 397 -4.62 -20.81 10.43
CA SER A 397 -4.66 -21.97 11.32
C SER A 397 -4.94 -23.27 10.56
N ASP A 398 -5.57 -23.15 9.39
CA ASP A 398 -5.99 -24.31 8.59
C ASP A 398 -4.85 -24.92 7.78
N GLU A 399 -4.96 -26.22 7.49
CA GLU A 399 -3.90 -26.97 6.80
C GLU A 399 -3.69 -26.59 5.34
N LEU A 400 -4.75 -26.19 4.64
CA LEU A 400 -4.66 -25.83 3.22
C LEU A 400 -3.86 -24.54 3.02
N ASN A 401 -4.18 -23.51 3.78
CA ASN A 401 -3.53 -22.21 3.62
C ASN A 401 -2.10 -22.21 4.14
N ARG A 402 -1.84 -22.98 5.19
CA ARG A 402 -0.47 -23.20 5.66
C ARG A 402 0.34 -23.89 4.57
N ALA A 403 -0.20 -24.97 4.02
CA ALA A 403 0.42 -25.67 2.90
C ALA A 403 0.64 -24.73 1.74
N ARG A 404 -0.32 -23.85 1.48
CA ARG A 404 -0.22 -22.92 0.36
C ARG A 404 0.97 -21.97 0.52
N LEU A 405 1.14 -21.45 1.73
CA LEU A 405 2.17 -20.43 1.99
C LEU A 405 3.57 -21.01 1.92
N ALA A 406 3.76 -22.18 2.52
CA ALA A 406 5.03 -22.90 2.51
C ALA A 406 5.51 -23.11 1.09
N TRP A 407 4.62 -23.64 0.26
CA TRP A 407 4.91 -23.86 -1.15
C TRP A 407 5.33 -22.56 -1.85
N ALA A 408 4.55 -21.49 -1.70
CA ALA A 408 4.85 -20.22 -2.38
C ALA A 408 6.10 -19.51 -1.84
N MSE A 409 6.50 -19.77 -0.60
CA MSE A 409 7.68 -19.11 -0.01
C MSE A 409 8.96 -19.89 -0.36
O MSE A 409 9.99 -19.73 0.30
CB MSE A 409 7.53 -19.00 1.52
CG MSE A 409 6.55 -17.94 2.01
SE MSE A 409 7.15 -16.14 1.65
CE MSE A 409 8.41 -15.87 3.14
N ASP A 410 8.90 -20.73 -1.41
CA ASP A 410 10.02 -21.58 -1.84
C ASP A 410 10.54 -22.54 -0.76
N PHE A 411 9.66 -22.94 0.15
CA PHE A 411 9.99 -23.84 1.28
C PHE A 411 9.39 -25.23 1.09
N ALA A 412 9.62 -26.11 2.06
CA ALA A 412 9.21 -27.51 1.98
C ALA A 412 7.95 -27.83 2.79
N ASP A 413 7.80 -27.20 3.96
CA ASP A 413 6.64 -27.43 4.83
C ASP A 413 6.40 -26.26 5.79
N TRP A 414 5.32 -26.35 6.58
CA TRP A 414 4.92 -25.26 7.48
C TRP A 414 5.80 -25.08 8.73
N PRO A 415 6.09 -26.16 9.47
CA PRO A 415 7.06 -26.09 10.58
C PRO A 415 8.35 -25.34 10.23
N GLN A 416 8.86 -25.52 9.01
CA GLN A 416 10.10 -24.90 8.56
C GLN A 416 9.92 -23.44 8.16
N LEU A 417 8.79 -23.11 7.54
CA LEU A 417 8.46 -21.73 7.20
C LEU A 417 8.46 -20.89 8.48
N THR A 418 7.75 -21.37 9.50
CA THR A 418 7.63 -20.67 10.78
C THR A 418 8.95 -20.58 11.54
N GLY A 419 9.87 -21.51 11.27
CA GLY A 419 11.20 -21.47 11.86
C GLY A 419 12.01 -20.34 11.27
N ALA A 420 11.99 -20.23 9.94
CA ALA A 420 12.66 -19.14 9.24
C ALA A 420 12.03 -17.79 9.60
N LEU A 421 10.70 -17.75 9.72
CA LEU A 421 10.00 -16.54 10.13
C LEU A 421 10.39 -16.14 11.56
N THR A 422 10.42 -17.11 12.46
CA THR A 422 10.74 -16.89 13.86
C THR A 422 12.15 -16.32 14.02
N ALA A 423 13.07 -16.77 13.16
CA ALA A 423 14.46 -16.31 13.21
C ALA A 423 14.57 -14.87 12.72
N HIS A 424 13.82 -14.51 11.68
CA HIS A 424 13.83 -13.14 11.19
C HIS A 424 13.24 -12.19 12.24
N MSE A 425 12.15 -12.61 12.87
CA MSE A 425 11.49 -11.76 13.87
C MSE A 425 12.38 -11.57 15.12
O MSE A 425 12.39 -10.50 15.72
CB MSE A 425 10.11 -12.32 14.24
CG MSE A 425 9.11 -12.22 13.09
SE MSE A 425 7.38 -12.97 13.44
CE MSE A 425 6.39 -11.36 14.00
N THR A 426 13.17 -12.59 15.44
CA THR A 426 14.13 -12.50 16.54
C THR A 426 15.18 -11.43 16.29
N ASN A 427 15.63 -11.32 15.04
CA ASN A 427 16.60 -10.29 14.68
C ASN A 427 16.02 -8.88 14.80
N VAL A 428 14.78 -8.75 14.36
CA VAL A 428 14.08 -7.47 14.40
C VAL A 428 13.89 -7.06 15.85
N ARG A 429 13.47 -7.99 16.69
CA ARG A 429 13.20 -7.71 18.09
C ARG A 429 14.47 -7.34 18.84
N ARG A 430 15.62 -7.89 18.44
CA ARG A 430 16.89 -7.51 19.05
C ARG A 430 17.22 -6.07 18.71
N VAL A 431 17.03 -5.69 17.46
CA VAL A 431 17.38 -4.35 17.01
C VAL A 431 16.41 -3.32 17.64
N PHE A 432 15.15 -3.70 17.74
CA PHE A 432 14.10 -2.86 18.34
C PHE A 432 14.40 -2.58 19.83
N ASN A 433 14.79 -3.61 20.57
CA ASN A 433 15.18 -3.45 22.00
C ASN A 433 16.40 -2.56 22.20
N GLU A 434 17.37 -2.65 21.31
CA GLU A 434 18.56 -1.81 21.38
C GLU A 434 18.29 -0.37 20.93
N LEU A 435 17.20 -0.16 20.19
CA LEU A 435 16.86 1.16 19.62
C LEU A 435 16.68 2.20 20.74
N ILE A 436 17.28 3.38 20.54
CA ILE A 436 17.34 4.45 21.52
C ILE A 436 17.34 3.93 22.97
N GLY A 437 18.30 3.05 23.25
CA GLY A 437 18.41 2.41 24.55
C GLY A 437 18.95 3.36 25.59
#